data_5PHI
#
_entry.id   5PHI
#
_cell.length_a   71.533
_cell.length_b   71.533
_cell.length_c   150.790
_cell.angle_alpha   90.000
_cell.angle_beta   90.000
_cell.angle_gamma   90.000
#
_symmetry.space_group_name_H-M   'P 43 21 2'
#
loop_
_entity.id
_entity.type
_entity.pdbx_description
1 polymer 'Lysine-specific demethylase 4D'
2 non-polymer 'ZINC ION'
3 non-polymer 'NICKEL (II) ION'
4 non-polymer N-OXALYLGLYCINE
5 non-polymer 1,2-ETHANEDIOL
6 non-polymer 'SULFATE ION'
7 non-polymer 2-methyl-1~{H}-benzimidazole
8 water water
#
_entity_poly.entity_id   1
_entity_poly.type   'polypeptide(L)'
_entity_poly.pdbx_seq_one_letter_code
;MHHHHHHSSGVDLGTENLYFQSMETMKSKANCAQNPNCNIMIFHPTKEEFNDFDKYIAYMESQGAHRAGLAKIIPPKEWK
ARETYDNISEILIATPLQQVASGRAGVFTQYHKKKKAMTVGEYRHLANSKKYQTPPHQNFEDLERKYWKNRIYNSPIYGA
DISGSLFDENTKQWNLGHLGTIQDLLEKECGVVIEGVNTPYLYFGMWKTTFAWHTEDMDLYSINYLHLGEPKTWYVVPPE
HGQRLERLARELFPGSSRGCGAFLRHKVALISPTVLKENGIPFNRITQEAGEFMVTFPYGYHAGFNHGFNCAEAINFATP
RWIDYGKMASQCSCGEARVTFSMDAFVRILQPERYDLWKRGQDR
;
_entity_poly.pdbx_strand_id   A
#
loop_
_chem_comp.id
_chem_comp.type
_chem_comp.name
_chem_comp.formula
8P7 non-polymer 2-methyl-1~{H}-benzimidazole 'C8 H8 N2'
EDO non-polymer 1,2-ETHANEDIOL 'C2 H6 O2'
NI non-polymer 'NICKEL (II) ION' 'Ni 2'
OGA non-polymer N-OXALYLGLYCINE 'C4 H5 N O5'
SO4 non-polymer 'SULFATE ION' 'O4 S -2'
ZN non-polymer 'ZINC ION' 'Zn 2'
#
# COMPACT_ATOMS: atom_id res chain seq x y z
N ALA A 33 16.95 18.58 12.71
CA ALA A 33 16.10 17.78 11.84
C ALA A 33 14.91 17.19 12.60
N GLN A 34 13.74 17.24 11.99
CA GLN A 34 12.52 16.76 12.62
C GLN A 34 12.43 15.24 12.52
N ASN A 35 11.91 14.61 13.57
CA ASN A 35 11.71 13.16 13.61
C ASN A 35 12.95 12.32 13.23
N PRO A 36 14.11 12.56 13.89
CA PRO A 36 15.34 11.84 13.54
C PRO A 36 15.31 10.34 13.79
N ASN A 37 14.51 9.89 14.74
CA ASN A 37 14.38 8.45 14.99
C ASN A 37 13.42 7.77 13.98
N CYS A 38 12.83 8.57 13.09
CA CYS A 38 11.96 8.05 12.02
C CYS A 38 10.75 7.30 12.58
N ASN A 39 10.15 7.84 13.64
CA ASN A 39 8.95 7.23 14.23
C ASN A 39 7.71 7.53 13.40
N ILE A 40 6.75 6.61 13.43
CA ILE A 40 5.48 6.83 12.74
C ILE A 40 4.66 7.88 13.50
N MET A 41 4.32 8.97 12.81
CA MET A 41 3.57 10.05 13.48
C MET A 41 2.06 9.94 13.23
N ILE A 42 1.29 10.38 14.21
CA ILE A 42 -0.18 10.35 14.14
C ILE A 42 -0.71 11.78 14.19
N PHE A 43 -1.53 12.16 13.21
CA PHE A 43 -2.04 13.52 13.13
C PHE A 43 -3.55 13.64 13.38
N HIS A 44 -3.96 14.74 13.97
CA HIS A 44 -5.36 14.97 14.31
C HIS A 44 -5.84 16.30 13.78
N PRO A 45 -5.97 16.45 12.45
CA PRO A 45 -6.40 17.74 11.91
C PRO A 45 -7.79 18.18 12.39
N THR A 46 -7.97 19.49 12.56
CA THR A 46 -9.29 20.08 12.79
C THR A 46 -10.01 20.15 11.45
N LYS A 47 -11.33 20.34 11.47
CA LYS A 47 -12.08 20.40 10.22
C LYS A 47 -11.60 21.56 9.35
N GLU A 48 -11.03 22.57 9.99
CA GLU A 48 -10.44 23.69 9.28
C GLU A 48 -9.15 23.32 8.55
N GLU A 49 -8.28 22.54 9.20
CA GLU A 49 -7.04 22.08 8.59
C GLU A 49 -7.28 20.99 7.54
N PHE A 50 -8.46 20.39 7.58
CA PHE A 50 -8.80 19.26 6.72
C PHE A 50 -9.25 19.72 5.35
N ASN A 51 -9.30 21.03 5.15
CA ASN A 51 -9.84 21.58 3.91
C ASN A 51 -8.84 21.69 2.78
N ASP A 52 -7.57 21.70 3.11
CA ASP A 52 -6.52 21.83 2.11
C ASP A 52 -5.61 20.60 2.12
N PHE A 53 -5.89 19.64 1.26
CA PHE A 53 -5.14 18.40 1.25
C PHE A 53 -3.62 18.59 1.07
N ASP A 54 -3.24 19.25 -0.03
N ASP A 54 -3.24 19.28 -0.01
CA ASP A 54 -1.83 19.48 -0.35
CA ASP A 54 -1.83 19.45 -0.34
C ASP A 54 -1.10 20.16 0.80
C ASP A 54 -1.07 20.21 0.75
N LYS A 55 -1.72 21.19 1.36
CA LYS A 55 -1.10 21.97 2.42
C LYS A 55 -0.91 21.10 3.68
N TYR A 56 -1.87 20.24 3.97
CA TYR A 56 -1.74 19.38 5.14
C TYR A 56 -0.64 18.34 4.93
N ILE A 57 -0.48 17.84 3.70
CA ILE A 57 0.61 16.92 3.44
C ILE A 57 1.94 17.63 3.66
N ALA A 58 2.05 18.86 3.16
CA ALA A 58 3.26 19.63 3.34
C ALA A 58 3.54 19.89 4.82
N TYR A 59 2.47 20.14 5.59
CA TYR A 59 2.59 20.36 7.03
C TYR A 59 3.18 19.12 7.71
N MET A 60 2.64 17.95 7.39
N MET A 60 2.64 17.95 7.41
CA MET A 60 3.10 16.71 8.00
CA MET A 60 3.13 16.72 8.04
C MET A 60 4.60 16.50 7.77
C MET A 60 4.61 16.51 7.78
N GLU A 61 5.05 16.79 6.55
CA GLU A 61 6.47 16.64 6.21
C GLU A 61 7.34 17.70 6.89
N SER A 62 6.81 18.91 7.10
CA SER A 62 7.52 19.93 7.86
C SER A 62 7.80 19.44 9.29
N GLN A 63 6.97 18.52 9.76
CA GLN A 63 7.19 17.93 11.09
C GLN A 63 7.98 16.63 11.04
N GLY A 64 8.47 16.27 9.85
CA GLY A 64 9.31 15.09 9.66
C GLY A 64 8.60 13.77 9.47
N ALA A 65 7.29 13.81 9.21
CA ALA A 65 6.48 12.58 9.10
C ALA A 65 7.01 11.60 8.05
N HIS A 66 7.52 12.13 6.94
CA HIS A 66 7.98 11.29 5.83
C HIS A 66 9.15 10.40 6.20
N ARG A 67 9.92 10.80 7.22
CA ARG A 67 11.10 10.02 7.59
C ARG A 67 10.75 8.61 8.04
N ALA A 68 9.54 8.41 8.57
CA ALA A 68 9.08 7.08 8.96
C ALA A 68 8.70 6.21 7.77
N GLY A 69 8.29 6.85 6.67
CA GLY A 69 7.80 6.15 5.49
C GLY A 69 6.27 6.01 5.52
N LEU A 70 5.67 6.31 6.65
CA LEU A 70 4.25 6.08 6.86
C LEU A 70 3.72 6.99 7.98
N ALA A 71 2.54 7.56 7.77
CA ALA A 71 1.87 8.34 8.81
C ALA A 71 0.38 7.99 8.93
N LYS A 72 -0.18 8.17 10.12
CA LYS A 72 -1.62 7.98 10.33
C LYS A 72 -2.32 9.32 10.44
N ILE A 73 -3.47 9.45 9.80
CA ILE A 73 -4.25 10.68 9.89
C ILE A 73 -5.67 10.38 10.38
N ILE A 74 -6.00 10.92 11.54
CA ILE A 74 -7.33 10.72 12.11
C ILE A 74 -8.18 11.90 11.69
N PRO A 75 -9.27 11.63 10.97
CA PRO A 75 -10.05 12.76 10.44
C PRO A 75 -10.85 13.45 11.54
N PRO A 76 -11.22 14.73 11.34
CA PRO A 76 -12.06 15.52 12.26
C PRO A 76 -13.29 14.73 12.64
N LYS A 77 -13.75 14.85 13.89
CA LYS A 77 -14.92 14.09 14.35
C LYS A 77 -16.17 14.42 13.56
N GLU A 78 -16.19 15.57 12.88
CA GLU A 78 -17.37 15.96 12.12
C GLU A 78 -17.41 15.36 10.71
N TRP A 79 -16.30 14.77 10.29
CA TRP A 79 -16.16 14.32 8.90
C TRP A 79 -16.66 12.89 8.73
N LYS A 80 -17.22 12.59 7.56
CA LYS A 80 -17.65 11.23 7.22
C LYS A 80 -17.38 10.94 5.74
N ALA A 81 -16.99 9.71 5.42
CA ALA A 81 -16.69 9.38 4.02
C ALA A 81 -17.99 9.23 3.23
N ARG A 82 -19.01 8.72 3.90
CA ARG A 82 -20.34 8.57 3.32
C ARG A 82 -21.35 8.32 4.43
N GLU A 83 -22.64 8.40 4.12
CA GLU A 83 -23.69 8.28 5.12
C GLU A 83 -23.74 6.92 5.78
N THR A 84 -23.91 5.86 5.00
CA THR A 84 -23.82 4.49 5.54
C THR A 84 -23.17 3.51 4.54
N TYR A 85 -22.77 2.34 5.03
CA TYR A 85 -22.22 1.32 4.14
C TYR A 85 -23.24 0.22 3.86
N ASP A 86 -24.51 0.61 3.92
CA ASP A 86 -25.62 -0.33 3.84
C ASP A 86 -25.72 -1.16 2.58
N ASN A 87 -25.61 -0.53 1.42
CA ASN A 87 -25.92 -1.24 0.19
C ASN A 87 -24.69 -1.56 -0.65
N ILE A 88 -23.64 -2.06 -0.01
CA ILE A 88 -22.40 -2.33 -0.74
C ILE A 88 -22.26 -3.80 -1.09
N SER A 89 -23.22 -4.61 -0.69
CA SER A 89 -23.09 -6.05 -0.90
C SER A 89 -23.12 -6.47 -2.36
N GLU A 90 -23.60 -5.60 -3.26
CA GLU A 90 -23.72 -5.99 -4.66
C GLU A 90 -22.51 -5.61 -5.53
N ILE A 91 -21.53 -4.96 -4.94
CA ILE A 91 -20.24 -4.79 -5.59
C ILE A 91 -19.67 -6.15 -5.96
N LEU A 92 -19.15 -6.26 -7.17
CA LEU A 92 -18.58 -7.51 -7.63
C LEU A 92 -17.07 -7.55 -7.47
N ILE A 93 -16.58 -8.64 -6.90
CA ILE A 93 -15.17 -8.96 -6.89
C ILE A 93 -14.93 -9.92 -8.04
N ALA A 94 -14.57 -9.39 -9.20
CA ALA A 94 -14.54 -10.22 -10.41
C ALA A 94 -13.48 -11.29 -10.35
N THR A 95 -12.34 -10.96 -9.75
CA THR A 95 -11.25 -11.93 -9.62
C THR A 95 -10.66 -11.98 -8.21
N PRO A 96 -11.34 -12.67 -7.29
CA PRO A 96 -10.80 -12.86 -5.94
C PRO A 96 -9.46 -13.61 -6.04
N LEU A 97 -8.51 -13.29 -5.17
CA LEU A 97 -7.20 -13.93 -5.23
C LEU A 97 -6.91 -14.75 -3.98
N GLN A 98 -6.72 -16.06 -4.17
CA GLN A 98 -6.28 -16.91 -3.07
C GLN A 98 -4.77 -16.79 -2.89
N GLN A 99 -4.36 -16.36 -1.71
CA GLN A 99 -2.95 -16.10 -1.43
C GLN A 99 -2.21 -17.33 -0.87
N VAL A 100 -1.54 -18.08 -1.73
CA VAL A 100 -0.87 -19.32 -1.34
C VAL A 100 0.61 -19.08 -0.98
N ALA A 101 1.01 -19.47 0.23
CA ALA A 101 2.38 -19.19 0.69
C ALA A 101 3.32 -20.37 0.48
N SER A 102 4.61 -20.06 0.31
CA SER A 102 5.69 -21.06 0.32
C SER A 102 6.88 -20.52 1.10
N GLY A 103 7.60 -21.39 1.80
CA GLY A 103 8.82 -21.00 2.50
C GLY A 103 8.73 -21.38 3.96
N ARG A 104 9.18 -20.49 4.82
N ARG A 104 9.24 -20.53 4.84
CA ARG A 104 9.12 -20.72 6.26
CA ARG A 104 9.10 -20.79 6.27
C ARG A 104 8.20 -19.70 6.89
C ARG A 104 8.30 -19.66 6.91
N ALA A 105 7.91 -19.86 8.17
CA ALA A 105 7.01 -18.93 8.86
C ALA A 105 7.43 -17.47 8.71
N GLY A 106 8.72 -17.18 8.89
CA GLY A 106 9.19 -15.80 8.93
C GLY A 106 9.73 -15.25 7.62
N VAL A 107 9.85 -16.12 6.63
CA VAL A 107 10.42 -15.77 5.32
C VAL A 107 9.69 -16.60 4.29
N PHE A 108 8.73 -15.99 3.60
CA PHE A 108 7.98 -16.73 2.61
C PHE A 108 7.60 -15.87 1.41
N THR A 109 7.23 -16.53 0.33
CA THR A 109 6.64 -15.86 -0.82
C THR A 109 5.16 -16.26 -0.91
N GLN A 110 4.35 -15.44 -1.55
CA GLN A 110 2.97 -15.85 -1.80
C GLN A 110 2.67 -15.71 -3.27
N TYR A 111 1.86 -16.62 -3.80
CA TYR A 111 1.39 -16.41 -5.17
C TYR A 111 -0.12 -16.34 -5.16
N HIS A 112 -0.66 -15.69 -6.18
CA HIS A 112 -2.08 -15.37 -6.19
C HIS A 112 -2.78 -16.28 -7.17
N LYS A 113 -3.69 -17.08 -6.65
CA LYS A 113 -4.46 -17.99 -7.46
C LYS A 113 -5.84 -17.39 -7.72
N LYS A 114 -6.18 -17.25 -9.00
CA LYS A 114 -7.45 -16.63 -9.39
C LYS A 114 -8.64 -17.53 -9.08
N LYS A 115 -9.66 -16.98 -8.43
CA LYS A 115 -10.87 -17.72 -8.13
C LYS A 115 -12.03 -17.12 -8.90
N LYS A 116 -13.18 -17.80 -8.84
CA LYS A 116 -14.36 -17.36 -9.55
C LYS A 116 -14.97 -16.14 -8.86
N ALA A 117 -15.63 -15.29 -9.65
CA ALA A 117 -16.19 -14.04 -9.16
C ALA A 117 -17.15 -14.24 -8.01
N MET A 118 -17.20 -13.29 -7.10
N MET A 118 -17.16 -13.30 -7.07
CA MET A 118 -18.24 -13.29 -6.07
CA MET A 118 -18.13 -13.26 -5.97
C MET A 118 -18.55 -11.85 -5.65
C MET A 118 -18.57 -11.81 -5.73
N THR A 119 -19.76 -11.63 -5.15
CA THR A 119 -20.17 -10.31 -4.71
C THR A 119 -19.52 -10.03 -3.35
N VAL A 120 -19.50 -8.76 -2.94
CA VAL A 120 -19.01 -8.42 -1.62
C VAL A 120 -19.85 -9.14 -0.54
N GLY A 121 -21.16 -9.27 -0.78
CA GLY A 121 -22.03 -10.03 0.12
C GLY A 121 -21.54 -11.45 0.33
N GLU A 122 -21.26 -12.16 -0.76
CA GLU A 122 -20.76 -13.52 -0.67
C GLU A 122 -19.39 -13.58 0.00
N TYR A 123 -18.53 -12.62 -0.33
CA TYR A 123 -17.19 -12.55 0.24
C TYR A 123 -17.22 -12.38 1.75
N ARG A 124 -18.09 -11.48 2.21
CA ARG A 124 -18.24 -11.21 3.64
C ARG A 124 -18.69 -12.47 4.38
N HIS A 125 -19.63 -13.19 3.78
CA HIS A 125 -20.09 -14.46 4.31
C HIS A 125 -18.92 -15.46 4.39
N LEU A 126 -18.08 -15.48 3.36
CA LEU A 126 -16.94 -16.38 3.35
C LEU A 126 -15.92 -15.99 4.41
N ALA A 127 -15.67 -14.69 4.55
CA ALA A 127 -14.72 -14.19 5.56
C ALA A 127 -15.18 -14.61 6.97
N ASN A 128 -16.48 -14.67 7.17
CA ASN A 128 -17.05 -14.95 8.48
C ASN A 128 -17.17 -16.45 8.78
N SER A 129 -16.85 -17.30 7.81
CA SER A 129 -17.05 -18.74 7.98
C SER A 129 -16.05 -19.31 8.97
N LYS A 130 -16.31 -20.52 9.47
CA LYS A 130 -15.44 -21.11 10.46
C LYS A 130 -14.02 -21.29 9.90
N LYS A 131 -13.93 -21.60 8.62
CA LYS A 131 -12.66 -21.86 7.97
C LYS A 131 -11.76 -20.61 7.87
N TYR A 132 -12.37 -19.44 7.66
CA TYR A 132 -11.61 -18.23 7.35
C TYR A 132 -11.61 -17.12 8.42
N GLN A 133 -12.50 -17.23 9.42
N GLN A 133 -12.51 -17.21 9.40
CA GLN A 133 -12.69 -16.15 10.38
CA GLN A 133 -12.72 -16.08 10.32
C GLN A 133 -11.51 -15.93 11.33
C GLN A 133 -11.61 -15.95 11.37
N THR A 134 -11.44 -14.72 11.87
CA THR A 134 -10.44 -14.39 12.90
C THR A 134 -10.56 -15.32 14.10
N PRO A 135 -9.41 -15.85 14.57
CA PRO A 135 -9.39 -16.75 15.73
C PRO A 135 -9.53 -15.99 17.03
N PRO A 136 -9.95 -16.68 18.11
CA PRO A 136 -9.97 -16.05 19.43
C PRO A 136 -8.56 -15.66 19.85
N HIS A 137 -8.43 -14.53 20.52
CA HIS A 137 -7.13 -13.98 20.86
C HIS A 137 -7.24 -12.96 21.99
N GLN A 138 -6.20 -12.88 22.81
CA GLN A 138 -6.28 -12.08 24.04
C GLN A 138 -6.14 -10.57 23.78
N ASN A 139 -5.41 -10.21 22.74
CA ASN A 139 -5.19 -8.80 22.37
C ASN A 139 -4.54 -8.73 20.99
N PHE A 140 -4.23 -7.51 20.54
N PHE A 140 -4.25 -7.52 20.51
CA PHE A 140 -3.60 -7.26 19.24
CA PHE A 140 -3.60 -7.39 19.23
C PHE A 140 -2.24 -7.95 19.11
C PHE A 140 -2.33 -8.19 19.16
N GLU A 141 -1.55 -8.10 20.23
CA GLU A 141 -0.23 -8.70 20.28
C GLU A 141 -0.28 -10.22 20.20
N ASP A 142 -1.33 -10.80 20.77
CA ASP A 142 -1.60 -12.23 20.62
C ASP A 142 -1.99 -12.51 19.16
N LEU A 143 -2.81 -11.64 18.57
CA LEU A 143 -3.22 -11.86 17.18
C LEU A 143 -2.03 -11.73 16.21
N GLU A 144 -1.16 -10.76 16.44
CA GLU A 144 0.05 -10.60 15.62
C GLU A 144 0.94 -11.83 15.71
N ARG A 145 1.04 -12.36 16.93
N ARG A 145 1.07 -12.39 16.92
CA ARG A 145 1.76 -13.59 17.22
CA ARG A 145 1.84 -13.61 17.08
C ARG A 145 1.21 -14.75 16.38
C ARG A 145 1.20 -14.76 16.30
N LYS A 146 -0.11 -14.90 16.39
CA LYS A 146 -0.80 -15.96 15.66
C LYS A 146 -0.64 -15.80 14.15
N TYR A 147 -0.70 -14.55 13.68
CA TYR A 147 -0.53 -14.31 12.25
C TYR A 147 0.84 -14.84 11.77
N TRP A 148 1.92 -14.43 12.43
CA TRP A 148 3.25 -14.76 11.92
C TRP A 148 3.62 -16.22 12.18
N LYS A 149 2.97 -16.83 13.17
CA LYS A 149 3.21 -18.22 13.47
C LYS A 149 2.48 -19.15 12.49
N ASN A 150 1.26 -18.78 12.12
CA ASN A 150 0.38 -19.65 11.36
C ASN A 150 0.04 -19.23 9.92
N ARG A 151 0.46 -18.04 9.49
CA ARG A 151 0.09 -17.53 8.17
C ARG A 151 0.33 -18.53 7.05
N ILE A 152 1.50 -19.16 7.03
CA ILE A 152 1.87 -19.92 5.84
C ILE A 152 1.04 -21.19 5.69
N TYR A 153 0.35 -21.59 6.74
CA TYR A 153 -0.44 -22.83 6.71
C TYR A 153 -1.87 -22.62 6.23
N ASN A 154 -2.21 -21.39 5.86
CA ASN A 154 -3.54 -21.13 5.31
C ASN A 154 -3.45 -20.35 4.01
N SER A 155 -4.56 -20.26 3.29
CA SER A 155 -4.59 -19.49 2.06
C SER A 155 -5.83 -18.62 2.02
N PRO A 156 -5.75 -17.42 2.63
CA PRO A 156 -6.89 -16.50 2.65
C PRO A 156 -7.16 -15.90 1.27
N ILE A 157 -8.39 -15.45 1.07
CA ILE A 157 -8.80 -14.95 -0.23
C ILE A 157 -9.01 -13.46 -0.11
N TYR A 158 -8.40 -12.70 -1.04
N TYR A 158 -8.42 -12.65 -0.99
CA TYR A 158 -8.37 -11.23 -1.08
CA TYR A 158 -8.72 -11.25 -0.86
C TYR A 158 -9.17 -10.66 -2.25
C TYR A 158 -9.07 -10.58 -2.17
N GLY A 159 -9.99 -9.63 -2.03
CA GLY A 159 -10.56 -8.92 -3.16
C GLY A 159 -9.73 -7.67 -3.37
N ALA A 160 -8.75 -7.76 -4.26
CA ALA A 160 -7.77 -6.68 -4.43
C ALA A 160 -7.93 -5.91 -5.72
N ASP A 161 -7.46 -4.67 -5.70
CA ASP A 161 -7.28 -3.88 -6.90
C ASP A 161 -8.57 -3.76 -7.73
N ILE A 162 -9.67 -3.50 -7.03
CA ILE A 162 -10.95 -3.27 -7.68
C ILE A 162 -11.17 -1.80 -7.96
N SER A 163 -11.18 -1.43 -9.23
N SER A 163 -11.21 -1.45 -9.24
CA SER A 163 -11.35 -0.02 -9.61
CA SER A 163 -11.44 -0.06 -9.64
C SER A 163 -12.72 0.51 -9.13
C SER A 163 -12.75 0.48 -9.08
N GLY A 164 -12.69 1.60 -8.36
CA GLY A 164 -13.90 2.22 -7.85
C GLY A 164 -13.70 3.01 -6.57
N SER A 165 -14.78 3.62 -6.06
CA SER A 165 -14.72 4.45 -4.86
C SER A 165 -15.97 4.31 -4.00
N LEU A 166 -15.80 4.38 -2.68
CA LEU A 166 -16.95 4.38 -1.77
C LEU A 166 -17.17 5.74 -1.13
N PHE A 167 -16.39 6.74 -1.55
CA PHE A 167 -16.62 8.09 -1.06
C PHE A 167 -17.88 8.68 -1.69
N ASP A 168 -18.70 9.34 -0.88
CA ASP A 168 -19.88 10.05 -1.38
C ASP A 168 -19.41 11.22 -2.24
N GLU A 169 -20.08 11.48 -3.36
CA GLU A 169 -19.64 12.57 -4.23
C GLU A 169 -19.73 13.93 -3.54
N ASN A 170 -20.58 14.04 -2.51
CA ASN A 170 -20.71 15.29 -1.76
C ASN A 170 -19.71 15.43 -0.61
N THR A 171 -18.92 14.39 -0.38
CA THR A 171 -17.80 14.50 0.56
C THR A 171 -16.70 15.29 -0.14
N LYS A 172 -16.42 16.49 0.37
CA LYS A 172 -15.51 17.40 -0.32
C LYS A 172 -14.08 17.35 0.18
N GLN A 173 -13.88 16.94 1.43
CA GLN A 173 -12.54 16.89 2.00
C GLN A 173 -11.96 15.47 1.97
N TRP A 174 -10.71 15.34 1.51
CA TRP A 174 -9.98 14.07 1.55
C TRP A 174 -10.78 12.94 0.88
N ASN A 175 -11.41 13.30 -0.24
CA ASN A 175 -12.14 12.37 -1.07
C ASN A 175 -11.15 11.80 -2.06
N LEU A 176 -10.81 10.53 -1.93
CA LEU A 176 -9.73 9.93 -2.70
C LEU A 176 -10.05 9.80 -4.20
N GLY A 177 -11.32 10.01 -4.57
CA GLY A 177 -11.69 10.09 -5.97
C GLY A 177 -11.64 11.51 -6.53
N HIS A 178 -11.34 12.48 -5.69
CA HIS A 178 -11.29 13.87 -6.12
C HIS A 178 -9.93 14.52 -5.94
N LEU A 179 -8.88 13.72 -5.78
CA LEU A 179 -7.56 14.28 -5.58
C LEU A 179 -7.04 14.82 -6.89
N GLY A 180 -6.10 15.75 -6.84
CA GLY A 180 -5.42 16.22 -8.03
C GLY A 180 -4.59 15.07 -8.57
N THR A 181 -4.39 15.04 -9.89
CA THR A 181 -3.78 13.87 -10.52
C THR A 181 -2.26 13.99 -10.58
N ILE A 182 -1.58 12.86 -10.66
CA ILE A 182 -0.12 12.85 -10.80
CA ILE A 182 -0.13 12.89 -10.77
C ILE A 182 0.29 13.49 -12.12
N GLN A 183 -0.54 13.29 -13.15
CA GLN A 183 -0.25 13.90 -14.45
C GLN A 183 -0.28 15.42 -14.34
N ASP A 184 -1.25 15.96 -13.60
CA ASP A 184 -1.30 17.41 -13.44
C ASP A 184 -0.14 17.94 -12.57
N LEU A 185 0.23 17.17 -11.55
CA LEU A 185 1.39 17.53 -10.73
C LEU A 185 2.64 17.60 -11.62
N LEU A 186 2.87 16.56 -12.42
N LEU A 186 2.85 16.57 -12.43
CA LEU A 186 4.04 16.56 -13.30
CA LEU A 186 4.02 16.52 -13.31
C LEU A 186 4.00 17.76 -14.25
C LEU A 186 4.00 17.68 -14.30
N GLU A 187 2.81 18.09 -14.72
CA GLU A 187 2.67 19.21 -15.64
C GLU A 187 2.96 20.54 -14.94
N LYS A 188 2.41 20.73 -13.75
CA LYS A 188 2.68 21.92 -12.97
C LYS A 188 4.16 22.09 -12.64
N GLU A 189 4.84 20.99 -12.31
CA GLU A 189 6.23 21.05 -11.85
C GLU A 189 7.25 21.10 -12.97
N CYS A 190 6.94 20.38 -14.06
N CYS A 190 7.01 20.39 -14.06
CA CYS A 190 7.91 20.14 -15.11
CA CYS A 190 8.03 20.35 -15.11
C CYS A 190 7.48 20.70 -16.48
C CYS A 190 7.52 20.83 -16.46
N GLY A 191 6.24 21.17 -16.55
CA GLY A 191 5.73 21.81 -17.74
C GLY A 191 5.43 20.90 -18.92
N VAL A 192 5.43 19.59 -18.71
CA VAL A 192 5.10 18.70 -19.81
C VAL A 192 3.73 18.07 -19.56
N VAL A 193 2.96 17.97 -20.64
CA VAL A 193 1.64 17.39 -20.61
C VAL A 193 1.74 15.93 -21.03
N ILE A 194 1.13 15.03 -20.27
CA ILE A 194 1.19 13.61 -20.61
C ILE A 194 -0.19 12.97 -20.53
N GLU A 195 -0.35 11.89 -21.28
CA GLU A 195 -1.55 11.07 -21.23
C GLU A 195 -1.62 10.33 -19.90
N GLY A 196 -2.78 9.78 -19.60
CA GLY A 196 -2.90 8.91 -18.46
C GLY A 196 -3.87 9.48 -17.45
N VAL A 197 -4.49 8.59 -16.70
CA VAL A 197 -5.41 8.95 -15.62
C VAL A 197 -5.06 8.11 -14.40
N ASN A 198 -5.65 8.50 -13.27
N ASN A 198 -5.43 8.55 -13.22
CA ASN A 198 -5.27 8.07 -11.92
CA ASN A 198 -5.28 7.66 -12.08
C ASN A 198 -6.53 7.87 -11.07
C ASN A 198 -6.48 7.78 -11.19
N THR A 199 -6.96 6.62 -10.81
CA THR A 199 -8.24 6.47 -10.09
C THR A 199 -8.06 5.53 -8.89
N PRO A 200 -9.00 5.58 -7.94
CA PRO A 200 -8.81 4.77 -6.73
C PRO A 200 -9.11 3.28 -6.92
N TYR A 201 -8.62 2.46 -6.00
N TYR A 201 -8.60 2.48 -5.99
CA TYR A 201 -8.96 1.04 -6.01
CA TYR A 201 -8.81 1.03 -5.92
C TYR A 201 -9.50 0.61 -4.66
C TYR A 201 -9.57 0.67 -4.64
N LEU A 202 -10.42 -0.35 -4.69
CA LEU A 202 -10.98 -0.92 -3.44
C LEU A 202 -10.29 -2.25 -3.13
N TYR A 203 -10.12 -2.53 -1.83
CA TYR A 203 -9.53 -3.76 -1.35
C TYR A 203 -10.46 -4.40 -0.29
N PHE A 204 -10.98 -5.59 -0.57
CA PHE A 204 -11.75 -6.31 0.44
C PHE A 204 -10.89 -7.41 1.02
N GLY A 205 -10.67 -7.35 2.34
CA GLY A 205 -9.80 -8.30 3.00
C GLY A 205 -10.52 -9.20 4.02
N MET A 206 -9.82 -10.24 4.46
CA MET A 206 -10.29 -11.11 5.54
C MET A 206 -9.08 -11.44 6.43
N TRP A 207 -9.30 -12.18 7.50
CA TRP A 207 -8.18 -12.59 8.38
C TRP A 207 -7.04 -13.21 7.57
N LYS A 208 -5.82 -12.77 7.90
CA LYS A 208 -4.57 -13.24 7.30
C LYS A 208 -4.30 -12.77 5.86
N THR A 209 -5.24 -12.06 5.26
CA THR A 209 -4.99 -11.45 3.96
CA THR A 209 -4.92 -11.51 3.93
C THR A 209 -3.73 -10.56 4.08
N THR A 210 -2.82 -10.64 3.12
CA THR A 210 -1.47 -10.10 3.27
C THR A 210 -1.02 -9.19 2.14
N PHE A 211 -0.38 -8.07 2.45
CA PHE A 211 0.31 -7.34 1.40
C PHE A 211 1.82 -7.39 1.64
N ALA A 212 2.50 -7.84 0.58
CA ALA A 212 3.93 -8.12 0.62
C ALA A 212 4.76 -6.83 0.69
N TRP A 213 6.04 -6.97 1.03
CA TRP A 213 6.96 -5.82 1.07
C TRP A 213 7.08 -5.17 -0.31
N HIS A 214 6.78 -3.88 -0.38
CA HIS A 214 6.90 -3.11 -1.61
C HIS A 214 6.97 -1.60 -1.36
N THR A 215 7.47 -0.85 -2.33
CA THR A 215 7.21 0.58 -2.39
C THR A 215 6.20 0.76 -3.52
N GLU A 216 5.64 1.96 -3.66
CA GLU A 216 4.67 2.20 -4.72
C GLU A 216 5.35 2.26 -6.09
N ASP A 217 4.57 2.05 -7.14
CA ASP A 217 5.06 2.38 -8.47
C ASP A 217 5.53 3.81 -8.44
N MET A 218 6.75 3.78 -8.99
N MET A 218 6.72 3.79 -9.05
CA MET A 218 7.59 4.89 -9.38
CA MET A 218 7.57 4.94 -9.38
C MET A 218 7.97 5.54 -8.08
C MET A 218 7.99 5.54 -8.07
N ASP A 219 8.09 4.71 -7.04
CA ASP A 219 8.13 5.30 -5.66
C ASP A 219 7.22 6.50 -5.33
N LEU A 220 5.99 6.46 -5.84
CA LEU A 220 4.95 7.45 -5.49
C LEU A 220 4.52 7.38 -4.02
N TYR A 221 3.79 8.40 -3.57
CA TYR A 221 3.03 8.31 -2.32
C TYR A 221 1.85 7.39 -2.52
N SER A 222 1.29 6.89 -1.42
CA SER A 222 -0.06 6.33 -1.46
CA SER A 222 -0.06 6.33 -1.46
C SER A 222 -0.87 6.87 -0.30
N ILE A 223 -2.19 6.92 -0.48
CA ILE A 223 -3.06 7.21 0.64
C ILE A 223 -4.14 6.12 0.69
N ASN A 224 -4.43 5.66 1.90
CA ASN A 224 -5.27 4.49 2.14
C ASN A 224 -6.31 4.82 3.21
N TYR A 225 -7.60 4.65 2.90
CA TYR A 225 -8.67 4.85 3.88
C TYR A 225 -9.36 3.54 4.19
N LEU A 226 -9.42 3.19 5.47
CA LEU A 226 -10.09 1.99 5.90
C LEU A 226 -11.55 2.34 6.14
N HIS A 227 -12.40 2.00 5.16
CA HIS A 227 -13.81 2.38 5.18
C HIS A 227 -14.61 1.70 6.27
N LEU A 228 -14.34 0.42 6.50
N LEU A 228 -14.34 0.42 6.48
CA LEU A 228 -15.24 -0.42 7.29
CA LEU A 228 -15.15 -0.37 7.40
C LEU A 228 -14.65 -1.75 7.71
C LEU A 228 -14.46 -1.65 7.83
N GLY A 229 -14.95 -2.20 8.93
CA GLY A 229 -14.57 -3.55 9.35
C GLY A 229 -13.41 -3.63 10.32
N GLU A 230 -12.71 -4.75 10.30
CA GLU A 230 -11.63 -5.05 11.25
C GLU A 230 -10.32 -4.35 10.84
N PRO A 231 -9.36 -4.23 11.78
CA PRO A 231 -8.14 -3.44 11.51
C PRO A 231 -7.17 -4.02 10.49
N LYS A 232 -6.17 -3.21 10.16
CA LYS A 232 -5.10 -3.55 9.23
CA LYS A 232 -5.09 -3.60 9.28
C LYS A 232 -3.75 -3.21 9.88
N THR A 233 -2.88 -4.18 10.12
CA THR A 233 -1.59 -3.86 10.75
C THR A 233 -0.54 -3.63 9.66
N TRP A 234 0.21 -2.55 9.82
CA TRP A 234 1.25 -2.13 8.86
C TRP A 234 2.66 -2.25 9.46
N TYR A 235 3.61 -2.67 8.62
CA TYR A 235 5.04 -2.58 8.95
C TYR A 235 5.70 -1.68 7.91
N VAL A 236 6.71 -0.92 8.31
CA VAL A 236 7.31 0.04 7.40
C VAL A 236 8.79 0.31 7.71
N VAL A 237 9.60 0.37 6.66
CA VAL A 237 11.00 0.74 6.78
C VAL A 237 11.19 2.21 6.35
N PRO A 238 11.89 3.02 7.19
CA PRO A 238 12.20 4.40 6.81
C PRO A 238 12.84 4.48 5.43
N PRO A 239 12.43 5.45 4.60
CA PRO A 239 13.00 5.56 3.25
C PRO A 239 14.54 5.66 3.24
N GLU A 240 15.12 6.32 4.22
CA GLU A 240 16.58 6.47 4.21
C GLU A 240 17.27 5.12 4.49
N HIS A 241 16.51 4.12 4.89
CA HIS A 241 17.08 2.78 5.13
C HIS A 241 16.53 1.70 4.21
N GLY A 242 15.80 2.10 3.18
CA GLY A 242 15.25 1.16 2.22
C GLY A 242 16.25 0.18 1.61
N GLN A 243 17.44 0.68 1.25
CA GLN A 243 18.45 -0.19 0.65
CA GLN A 243 18.46 -0.18 0.66
C GLN A 243 18.89 -1.31 1.59
N ARG A 244 18.76 -1.08 2.89
CA ARG A 244 19.07 -2.13 3.86
C ARG A 244 18.10 -3.29 3.75
N LEU A 245 16.81 -2.96 3.58
CA LEU A 245 15.80 -3.98 3.35
C LEU A 245 16.10 -4.75 2.06
N GLU A 246 16.45 -4.03 1.00
CA GLU A 246 16.70 -4.66 -0.30
C GLU A 246 17.86 -5.64 -0.23
N ARG A 247 18.91 -5.23 0.47
CA ARG A 247 20.08 -6.10 0.64
C ARG A 247 19.68 -7.36 1.41
N LEU A 248 18.86 -7.24 2.45
CA LEU A 248 18.43 -8.43 3.18
C LEU A 248 17.58 -9.33 2.27
N ALA A 249 16.65 -8.72 1.54
CA ALA A 249 15.81 -9.47 0.61
C ALA A 249 16.64 -10.26 -0.41
N ARG A 250 17.72 -9.69 -0.91
N ARG A 250 17.72 -9.65 -0.91
CA ARG A 250 18.56 -10.40 -1.89
CA ARG A 250 18.59 -10.33 -1.88
C ARG A 250 19.19 -11.65 -1.27
C ARG A 250 19.15 -11.61 -1.26
N GLU A 251 19.53 -11.54 0.01
CA GLU A 251 20.09 -12.64 0.78
CA GLU A 251 20.11 -12.70 0.68
C GLU A 251 19.05 -13.73 1.07
N LEU A 252 17.84 -13.28 1.38
CA LEU A 252 16.75 -14.19 1.81
C LEU A 252 16.03 -14.85 0.64
N PHE A 253 16.03 -14.20 -0.53
CA PHE A 253 15.40 -14.75 -1.73
C PHE A 253 16.39 -14.74 -2.88
N PRO A 254 17.45 -15.57 -2.77
CA PRO A 254 18.57 -15.44 -3.71
C PRO A 254 18.19 -15.77 -5.16
N GLY A 255 17.29 -16.73 -5.37
CA GLY A 255 16.85 -17.02 -6.71
C GLY A 255 16.08 -15.87 -7.35
N SER A 256 15.12 -15.31 -6.62
CA SER A 256 14.32 -14.20 -7.12
C SER A 256 15.22 -13.03 -7.51
N SER A 257 16.21 -12.79 -6.66
CA SER A 257 17.16 -11.72 -6.84
C SER A 257 17.98 -11.83 -8.12
N ARG A 258 18.38 -13.05 -8.46
N ARG A 258 18.39 -13.05 -8.47
CA ARG A 258 19.14 -13.28 -9.69
CA ARG A 258 19.16 -13.25 -9.70
C ARG A 258 18.29 -13.04 -10.92
C ARG A 258 18.29 -13.05 -10.94
N GLY A 259 17.01 -13.38 -10.84
CA GLY A 259 16.10 -13.26 -11.96
C GLY A 259 15.69 -11.83 -12.31
N CYS A 260 15.74 -10.94 -11.33
CA CYS A 260 15.26 -9.57 -11.52
C CYS A 260 15.92 -8.61 -10.54
N GLY A 261 16.48 -7.54 -11.06
CA GLY A 261 17.19 -6.56 -10.25
C GLY A 261 16.29 -5.77 -9.32
N ALA A 262 14.98 -5.95 -9.47
CA ALA A 262 14.01 -5.25 -8.63
C ALA A 262 12.81 -6.13 -8.30
N PHE A 263 13.08 -7.33 -7.79
CA PHE A 263 12.02 -8.31 -7.63
C PHE A 263 11.02 -7.95 -6.53
N LEU A 264 11.33 -7.03 -5.64
CA LEU A 264 10.32 -6.66 -4.63
C LEU A 264 9.11 -6.02 -5.31
N ARG A 265 9.31 -5.47 -6.50
CA ARG A 265 8.21 -4.94 -7.32
C ARG A 265 7.20 -6.01 -7.72
N HIS A 266 7.57 -7.29 -7.59
CA HIS A 266 6.63 -8.37 -7.91
C HIS A 266 5.58 -8.51 -6.82
N LYS A 267 5.86 -7.85 -5.68
CA LYS A 267 5.02 -7.89 -4.48
C LYS A 267 4.65 -9.31 -4.05
N VAL A 268 5.65 -10.14 -3.82
CA VAL A 268 5.40 -11.51 -3.40
C VAL A 268 6.17 -11.90 -2.15
N ALA A 269 7.05 -11.03 -1.65
CA ALA A 269 7.94 -11.45 -0.57
C ALA A 269 7.52 -10.95 0.80
N LEU A 270 7.49 -11.85 1.78
CA LEU A 270 7.20 -11.49 3.17
C LEU A 270 8.38 -11.83 4.08
N ILE A 271 8.70 -10.92 4.99
CA ILE A 271 9.74 -11.08 6.00
C ILE A 271 9.16 -10.62 7.33
N SER A 272 9.21 -11.46 8.36
CA SER A 272 8.57 -11.14 9.65
C SER A 272 9.33 -10.09 10.45
N PRO A 273 8.66 -9.43 11.42
CA PRO A 273 9.40 -8.50 12.28
C PRO A 273 10.52 -9.19 13.06
N THR A 274 10.33 -10.45 13.44
CA THR A 274 11.40 -11.18 14.12
C THR A 274 12.66 -11.30 13.25
N VAL A 275 12.46 -11.60 11.97
CA VAL A 275 13.60 -11.74 11.08
C VAL A 275 14.24 -10.37 10.79
N LEU A 276 13.41 -9.33 10.68
CA LEU A 276 13.96 -8.00 10.49
C LEU A 276 14.86 -7.62 11.69
N LYS A 277 14.35 -7.82 12.90
CA LYS A 277 15.10 -7.56 14.13
C LYS A 277 16.42 -8.33 14.16
N GLU A 278 16.37 -9.61 13.81
CA GLU A 278 17.56 -10.47 13.84
C GLU A 278 18.63 -9.93 12.91
N ASN A 279 18.20 -9.22 11.86
CA ASN A 279 19.16 -8.74 10.88
C ASN A 279 19.39 -7.23 10.95
N GLY A 280 18.96 -6.64 12.06
CA GLY A 280 19.18 -5.22 12.30
C GLY A 280 18.55 -4.25 11.32
N ILE A 281 17.44 -4.64 10.70
CA ILE A 281 16.73 -3.74 9.78
C ILE A 281 15.83 -2.81 10.58
N PRO A 282 16.03 -1.50 10.46
CA PRO A 282 15.14 -0.61 11.20
C PRO A 282 13.74 -0.61 10.61
N PHE A 283 12.72 -0.59 11.47
CA PHE A 283 11.34 -0.59 10.98
C PHE A 283 10.41 -0.18 12.10
N ASN A 284 9.16 0.11 11.74
CA ASN A 284 8.16 0.40 12.74
C ASN A 284 6.87 -0.32 12.39
N ARG A 285 5.96 -0.42 13.36
N ARG A 285 5.98 -0.42 13.37
CA ARG A 285 4.68 -1.04 13.10
CA ARG A 285 4.68 -1.09 13.24
C ARG A 285 3.55 -0.22 13.69
C ARG A 285 3.56 -0.15 13.67
N ILE A 286 2.39 -0.26 13.03
CA ILE A 286 1.23 0.46 13.52
C ILE A 286 -0.03 -0.16 12.97
N THR A 287 -1.09 -0.12 13.77
CA THR A 287 -2.35 -0.73 13.36
C THR A 287 -3.38 0.34 13.03
N GLN A 288 -3.97 0.23 11.83
CA GLN A 288 -4.97 1.16 11.31
C GLN A 288 -6.38 0.62 11.61
N GLU A 289 -7.27 1.47 12.11
N GLU A 289 -7.26 1.49 12.12
CA GLU A 289 -8.64 1.02 12.36
CA GLU A 289 -8.66 1.17 12.41
C GLU A 289 -9.61 1.77 11.46
C GLU A 289 -9.59 1.73 11.35
N ALA A 290 -10.82 1.23 11.31
CA ALA A 290 -11.84 1.78 10.45
C ALA A 290 -12.05 3.25 10.76
N GLY A 291 -12.12 4.07 9.72
CA GLY A 291 -12.31 5.51 9.87
C GLY A 291 -11.01 6.30 9.88
N GLU A 292 -9.89 5.63 9.59
CA GLU A 292 -8.59 6.29 9.66
C GLU A 292 -7.87 6.21 8.32
N PHE A 293 -7.10 7.26 8.02
CA PHE A 293 -6.21 7.31 6.86
C PHE A 293 -4.80 6.90 7.19
N MET A 294 -4.14 6.23 6.24
CA MET A 294 -2.68 6.07 6.30
C MET A 294 -2.09 6.70 5.05
N VAL A 295 -0.95 7.34 5.18
CA VAL A 295 -0.23 7.85 4.02
C VAL A 295 1.15 7.19 3.97
N THR A 296 1.53 6.60 2.84
CA THR A 296 2.90 6.12 2.69
C THR A 296 3.67 7.12 1.84
N PHE A 297 4.96 7.29 2.16
CA PHE A 297 5.80 8.30 1.55
C PHE A 297 6.75 7.68 0.53
N PRO A 298 7.28 8.49 -0.40
CA PRO A 298 8.15 7.92 -1.44
C PRO A 298 9.26 7.02 -0.90
N TYR A 299 9.35 5.83 -1.48
CA TYR A 299 10.40 4.86 -1.19
C TYR A 299 10.30 4.35 0.25
N GLY A 300 9.11 4.44 0.84
CA GLY A 300 8.87 3.81 2.14
C GLY A 300 8.34 2.39 1.96
N TYR A 301 9.20 1.39 2.14
CA TYR A 301 8.79 -0.01 1.99
C TYR A 301 7.77 -0.34 3.05
N HIS A 302 6.69 -1.01 2.66
CA HIS A 302 5.69 -1.40 3.66
C HIS A 302 5.07 -2.76 3.34
N ALA A 303 4.50 -3.37 4.38
CA ALA A 303 3.86 -4.69 4.30
C ALA A 303 2.85 -4.78 5.42
N GLY A 304 1.95 -5.74 5.36
CA GLY A 304 0.99 -5.88 6.45
C GLY A 304 -0.05 -6.95 6.26
N PHE A 305 -1.01 -6.98 7.17
CA PHE A 305 -2.05 -8.00 7.12
C PHE A 305 -3.35 -7.48 7.72
N ASN A 306 -4.46 -8.11 7.30
CA ASN A 306 -5.80 -7.76 7.77
C ASN A 306 -6.23 -8.66 8.93
N HIS A 307 -6.93 -8.07 9.90
CA HIS A 307 -7.35 -8.75 11.12
C HIS A 307 -8.64 -9.54 10.93
N GLY A 308 -9.39 -9.23 9.88
CA GLY A 308 -10.70 -9.82 9.64
C GLY A 308 -11.33 -9.15 8.44
N PHE A 309 -12.62 -9.36 8.21
CA PHE A 309 -13.29 -8.72 7.07
C PHE A 309 -13.16 -7.22 7.13
N ASN A 310 -12.65 -6.62 6.05
CA ASN A 310 -12.67 -5.17 5.97
C ASN A 310 -12.70 -4.64 4.53
N CYS A 311 -12.74 -3.33 4.40
CA CYS A 311 -12.71 -2.70 3.07
C CYS A 311 -11.93 -1.42 3.14
N ALA A 312 -10.87 -1.35 2.33
CA ALA A 312 -10.08 -0.13 2.22
C ALA A 312 -10.12 0.43 0.80
N GLU A 313 -9.85 1.73 0.68
CA GLU A 313 -9.78 2.39 -0.61
C GLU A 313 -8.43 3.10 -0.65
N ALA A 314 -7.72 3.00 -1.76
CA ALA A 314 -6.39 3.60 -1.84
C ALA A 314 -6.11 4.13 -3.24
N ILE A 315 -5.19 5.08 -3.33
CA ILE A 315 -4.80 5.66 -4.60
C ILE A 315 -3.40 6.22 -4.44
N ASN A 316 -2.62 6.22 -5.52
CA ASN A 316 -1.33 6.90 -5.48
C ASN A 316 -1.47 8.40 -5.71
N PHE A 317 -0.51 9.17 -5.22
CA PHE A 317 -0.47 10.59 -5.56
C PHE A 317 0.97 11.10 -5.51
N ALA A 318 1.17 12.34 -5.96
CA ALA A 318 2.48 12.96 -5.98
C ALA A 318 2.45 14.36 -5.37
N THR A 319 3.62 14.83 -4.96
CA THR A 319 3.86 16.22 -4.54
C THR A 319 5.13 16.69 -5.27
N PRO A 320 5.50 17.97 -5.14
CA PRO A 320 6.75 18.38 -5.77
C PRO A 320 7.95 17.61 -5.22
N ARG A 321 7.85 17.17 -3.98
CA ARG A 321 8.94 16.43 -3.34
CA ARG A 321 8.94 16.44 -3.33
C ARG A 321 9.11 15.04 -3.95
N TRP A 322 8.05 14.50 -4.54
CA TRP A 322 8.12 13.17 -5.17
C TRP A 322 9.05 13.11 -6.40
N ILE A 323 9.19 14.23 -7.11
CA ILE A 323 9.82 14.17 -8.45
C ILE A 323 11.18 13.49 -8.47
N ASP A 324 12.05 13.85 -7.53
CA ASP A 324 13.40 13.28 -7.53
C ASP A 324 13.38 11.77 -7.27
N TYR A 325 12.45 11.32 -6.45
CA TYR A 325 12.26 9.88 -6.23
C TYR A 325 11.80 9.17 -7.50
N GLY A 326 10.82 9.75 -8.19
CA GLY A 326 10.39 9.19 -9.44
C GLY A 326 11.53 9.00 -10.43
N LYS A 327 12.45 9.97 -10.47
CA LYS A 327 13.61 9.89 -11.35
C LYS A 327 14.56 8.73 -10.99
N MET A 328 14.64 8.41 -9.71
CA MET A 328 15.59 7.41 -9.22
C MET A 328 14.97 6.01 -9.02
N ALA A 329 13.67 5.88 -9.23
CA ALA A 329 12.97 4.65 -8.87
C ALA A 329 13.46 3.45 -9.68
N SER A 330 13.68 2.32 -9.01
N SER A 330 13.69 2.34 -8.99
CA SER A 330 14.10 1.09 -9.69
CA SER A 330 14.01 1.07 -9.65
C SER A 330 12.93 0.37 -10.35
C SER A 330 12.86 0.64 -10.54
N GLN A 331 13.16 -0.18 -11.54
CA GLN A 331 12.12 -0.80 -12.35
C GLN A 331 12.34 -2.30 -12.47
N CYS A 332 11.26 -3.06 -12.54
CA CYS A 332 11.33 -4.50 -12.78
C CYS A 332 11.87 -4.74 -14.20
N SER A 333 12.98 -5.48 -14.28
CA SER A 333 13.65 -5.73 -15.56
C SER A 333 13.21 -7.03 -16.24
N CYS A 334 12.52 -7.90 -15.51
CA CYS A 334 12.24 -9.24 -15.99
C CYS A 334 10.86 -9.42 -16.62
N GLY A 335 9.96 -8.48 -16.38
CA GLY A 335 8.63 -8.57 -16.96
C GLY A 335 7.53 -9.09 -16.04
N GLU A 336 7.89 -9.58 -14.85
CA GLU A 336 6.89 -10.08 -13.91
C GLU A 336 5.91 -8.98 -13.46
N ALA A 337 6.42 -7.83 -13.05
CA ALA A 337 5.55 -6.78 -12.50
C ALA A 337 4.77 -6.07 -13.60
N ARG A 338 3.52 -5.71 -13.29
CA ARG A 338 2.66 -5.01 -14.24
C ARG A 338 3.01 -3.52 -14.33
N VAL A 339 3.09 -3.01 -15.55
CA VAL A 339 3.25 -1.57 -15.75
C VAL A 339 1.97 -1.00 -16.34
N THR A 340 1.19 -0.29 -15.52
CA THR A 340 -0.07 0.30 -15.98
C THR A 340 0.21 1.25 -17.12
N PHE A 341 -0.78 1.68 -17.87
N PHE A 341 -0.85 1.58 -17.83
CA PHE A 341 -0.37 2.59 -18.92
CA PHE A 341 -0.85 2.55 -18.93
C PHE A 341 -0.12 4.00 -18.37
C PHE A 341 -0.20 3.84 -18.49
N SER A 342 -0.66 4.29 -17.19
N SER A 342 -0.65 4.36 -17.35
CA SER A 342 -0.31 5.54 -16.51
CA SER A 342 -0.17 5.65 -16.86
C SER A 342 1.20 5.64 -16.30
C SER A 342 1.30 5.64 -16.44
N MET A 343 1.79 4.52 -15.94
CA MET A 343 3.19 4.45 -15.54
C MET A 343 4.15 4.60 -16.71
N ASP A 344 3.71 4.17 -17.89
CA ASP A 344 4.51 4.30 -19.11
C ASP A 344 4.99 5.74 -19.30
N ALA A 345 4.06 6.69 -19.24
CA ALA A 345 4.40 8.09 -19.42
C ALA A 345 5.34 8.59 -18.35
N PHE A 346 5.18 8.11 -17.11
N PHE A 346 5.24 8.09 -17.13
CA PHE A 346 6.08 8.51 -16.03
CA PHE A 346 6.13 8.59 -16.09
C PHE A 346 7.52 8.10 -16.36
C PHE A 346 7.56 8.07 -16.27
N VAL A 347 7.69 6.86 -16.79
CA VAL A 347 9.02 6.33 -17.12
C VAL A 347 9.58 7.06 -18.35
N ARG A 348 8.74 7.28 -19.35
CA ARG A 348 9.13 8.01 -20.57
C ARG A 348 9.73 9.39 -20.29
N ILE A 349 9.07 10.15 -19.42
CA ILE A 349 9.55 11.50 -19.12
C ILE A 349 10.65 11.55 -18.06
N LEU A 350 10.48 10.81 -16.96
CA LEU A 350 11.43 10.89 -15.85
C LEU A 350 12.66 9.98 -16.04
N GLN A 351 12.48 8.89 -16.77
N GLN A 351 12.49 8.87 -16.76
CA GLN A 351 13.58 7.92 -16.97
CA GLN A 351 13.62 7.96 -16.96
C GLN A 351 13.77 7.56 -18.45
C GLN A 351 13.77 7.57 -18.43
N PRO A 352 14.08 8.55 -19.30
CA PRO A 352 14.11 8.27 -20.74
C PRO A 352 15.18 7.24 -21.14
N GLU A 353 16.30 7.13 -20.42
CA GLU A 353 17.27 6.08 -20.74
CA GLU A 353 17.26 6.07 -20.76
C GLU A 353 16.67 4.69 -20.53
N ARG A 354 16.06 4.48 -19.35
CA ARG A 354 15.43 3.20 -19.07
C ARG A 354 14.30 2.92 -20.05
N TYR A 355 13.59 3.97 -20.44
CA TYR A 355 12.47 3.82 -21.37
C TYR A 355 12.96 3.35 -22.73
N ASP A 356 14.04 3.97 -23.21
CA ASP A 356 14.64 3.60 -24.48
C ASP A 356 15.16 2.15 -24.42
N LEU A 357 15.70 1.76 -23.26
CA LEU A 357 16.19 0.40 -23.07
C LEU A 357 15.03 -0.59 -23.13
N TRP A 358 13.94 -0.26 -22.44
CA TRP A 358 12.71 -1.05 -22.49
CA TRP A 358 12.72 -1.07 -22.49
C TRP A 358 12.39 -1.40 -23.95
N LYS A 359 12.53 -0.42 -24.83
CA LYS A 359 12.43 -0.64 -26.27
C LYS A 359 13.74 -1.25 -26.77
ZN ZN B . 11.03 -8.43 -12.26
NI NI C . 1.34 0.16 -1.00
C1 OGA D . -1.12 0.98 0.11
C2 OGA D . -1.12 -0.48 0.18
C4 OGA D . -2.30 -2.55 0.51
C5 OGA D . -3.53 -3.12 1.16
O1 OGA D . -0.05 1.56 -0.19
O2 OGA D . -2.18 1.62 0.37
O2' OGA D . -0.10 -1.11 -0.07
O3 OGA D . -4.25 -2.36 1.86
N1 OGA D . -2.26 -1.10 0.51
O4 OGA D . -3.78 -4.34 0.97
C1 EDO E . -9.06 16.60 -1.71
O1 EDO E . -9.35 17.63 -0.77
C2 EDO E . -10.33 16.27 -2.48
O2 EDO E . -11.34 15.90 -1.54
C1 EDO F . 9.28 -9.00 17.11
O1 EDO F . 10.00 -7.78 17.30
C2 EDO F . 7.80 -8.75 17.36
O2 EDO F . 7.02 -9.65 16.55
C1 EDO G . 13.30 -2.58 -5.58
O1 EDO G . 14.67 -2.54 -5.98
C2 EDO G . 12.74 -3.99 -5.75
O2 EDO G . 13.67 -4.99 -5.25
C1 EDO H . 1.30 -4.14 15.57
O1 EDO H . 0.92 -2.76 15.70
C2 EDO H . 0.63 -4.95 16.66
O2 EDO H . -0.70 -4.49 16.82
C1 EDO I . -16.23 8.42 8.94
O1 EDO I . -16.18 8.42 10.37
C2 EDO I . -17.44 7.64 8.44
O2 EDO I . -17.33 7.43 7.03
C1 EDO J . 10.30 -18.91 -0.47
O1 EDO J . 11.57 -18.55 -1.01
C2 EDO J . 9.57 -19.77 -1.49
O2 EDO J . 9.50 -19.09 -2.74
C1 EDO K . -2.32 2.17 -3.83
O1 EDO K . -2.06 1.10 -2.91
C2 EDO K . -3.32 1.68 -4.86
O2 EDO K . -2.71 1.76 -6.16
S SO4 L . -22.80 -12.97 7.13
O1 SO4 L . -22.06 -13.99 7.85
O2 SO4 L . -21.91 -11.86 6.78
O3 SO4 L . -23.35 -13.54 5.91
O4 SO4 L . -23.86 -12.45 7.99
S SO4 M . -25.38 5.54 1.63
O1 SO4 M . -25.82 5.26 3.00
O2 SO4 M . -24.26 6.47 1.66
O3 SO4 M . -25.00 4.29 0.96
O4 SO4 M . -26.46 6.17 0.90
S SO4 N . -1.67 -20.60 18.98
O1 SO4 N . -0.32 -21.04 19.34
O2 SO4 N . -2.66 -21.51 19.55
O3 SO4 N . -1.81 -20.60 17.53
O4 SO4 N . -1.86 -19.25 19.51
S SO4 O . -0.09 -0.70 17.25
O1 SO4 O . 1.21 -0.40 17.82
O2 SO4 O . -1.06 -1.05 18.28
O3 SO4 O . 0.03 -1.82 16.32
O4 SO4 O . -0.56 0.50 16.54
S SO4 P . -4.88 -19.10 13.43
O1 SO4 P . -5.38 -19.62 14.70
O2 SO4 P . -3.90 -18.05 13.71
O3 SO4 P . -5.98 -18.57 12.61
O4 SO4 P . -4.23 -20.17 12.69
N1 8P7 Q . -5.87 0.12 17.45
C4 8P7 Q . -7.15 -2.09 17.39
C5 8P7 Q . -7.00 -3.46 17.43
C6 8P7 Q . -5.72 -4.01 17.56
C7 8P7 Q . -4.62 -3.19 17.65
C8 8P7 Q . -4.77 -1.81 17.60
C1 8P7 Q . -3.99 1.76 17.58
C2 8P7 Q . -4.58 0.40 17.56
C3 8P7 Q . -6.04 -1.26 17.47
N2 8P7 Q . -3.89 -0.77 17.66
#